data_4LG0
#
_entry.id   4LG0
#
_cell.length_a   68.658
_cell.length_b   114.944
_cell.length_c   136.325
_cell.angle_alpha   90.00
_cell.angle_beta   90.00
_cell.angle_gamma   90.00
#
_symmetry.space_group_name_H-M   'C 2 2 21'
#
loop_
_entity.id
_entity.type
_entity.pdbx_description
1 polymer 'Forkhead box protein O1'
2 polymer 'Protein C-ets-1'
3 polymer "DNA (5'-D(*DTP*DTP*DCP*DAP*DCP*DGP*DGP*DTP*DTP*DTP*DCP*DCP*DTP*DGP*DTP*DTP*DAP*DTP*DTP*DGP*DT)-3')"
4 polymer "DNA (5'-D(*DAP*DAP*DAP*DCP*DAP*DAP*DTP*DAP*DAP*DCP*DAP*DGP*DGP*DAP*DAP*DAP*DCP*DCP*DGP*DTP*DG)-3')"
5 non-polymer 'CALCIUM ION'
6 non-polymer 'TETRAETHYLENE GLYCOL'
7 water water
#
loop_
_entity_poly.entity_id
_entity_poly.type
_entity_poly.pdbx_seq_one_letter_code
_entity_poly.pdbx_strand_id
1 'polypeptide(L)'
;GPGYPGPLAGQPRKSSSSRRNAWGNLSYADLITKAIESSAEKRLTLSQIYEWMVKSVPYFKDKGDSNSSAGWKNSIRHNL
SLHSKFIRVQNEGTGKSSWWMLNPEGGKSGKSPRRRAASMDNNSKFAKSRSRA
;
A
2 'polypeptide(L)'
;MGGSGPIQLWQFLLELLTDKSCQSFISWTGDGWEFKLSDPDEVARRWGKRKNKPKMNYEKLSRGLRYYYDKNIIHKTAGK
RYVYRFVCDLQSLLGYTPEELHAMLDVKPDAD
;
B
3 'polydeoxyribonucleotide'
;(DT)(DT)(DC)(DA)(DC)(DG)(DG)(DT)(DT)(DT)(DC)(DC)(DT)(DG)(DT)(DT)(DA)(DT)(DT)(DG)
(DT)
;
C
4 'polydeoxyribonucleotide'
;(DA)(DA)(DA)(DC)(DA)(DA)(DT)(DA)(DA)(DC)(DA)(DG)(DG)(DA)(DA)(DA)(DC)(DC)(DG)(DT)
(DG)
;
D
#
# COMPACT_ATOMS: atom_id res chain seq x y z
N ARG A 19 -14.87 -13.65 25.82
CA ARG A 19 -14.06 -14.03 24.62
C ARG A 19 -14.16 -12.94 23.56
N ARG A 20 -13.46 -11.81 23.78
CA ARG A 20 -13.54 -10.69 22.82
C ARG A 20 -12.91 -10.99 21.44
N ASN A 21 -11.84 -11.77 21.43
CA ASN A 21 -11.23 -12.18 20.16
C ASN A 21 -11.15 -13.68 20.05
N ALA A 22 -10.97 -14.11 18.82
CA ALA A 22 -10.96 -15.49 18.41
C ALA A 22 -9.91 -16.30 19.11
N TRP A 23 -8.89 -15.63 19.61
CA TRP A 23 -7.77 -16.28 20.31
C TRP A 23 -7.90 -16.11 21.83
N GLY A 24 -8.87 -15.28 22.26
CA GLY A 24 -9.13 -15.00 23.66
C GLY A 24 -9.28 -13.52 23.97
N ASN A 25 -9.02 -13.16 25.24
CA ASN A 25 -9.17 -11.78 25.69
C ASN A 25 -7.89 -10.91 25.48
N LEU A 26 -6.77 -11.54 25.12
CA LEU A 26 -5.53 -10.78 24.85
C LEU A 26 -5.70 -9.88 23.60
N SER A 27 -5.17 -8.67 23.67
CA SER A 27 -5.08 -7.86 22.46
C SER A 27 -3.88 -8.33 21.68
N TYR A 28 -3.90 -8.02 20.38
CA TYR A 28 -2.66 -8.06 19.55
C TYR A 28 -1.47 -7.56 20.24
N ALA A 29 -1.60 -6.42 20.86
CA ALA A 29 -0.44 -5.85 21.45
C ALA A 29 0.06 -6.82 22.58
N ASP A 30 -0.89 -7.39 23.32
CA ASP A 30 -0.52 -8.29 24.47
C ASP A 30 0.16 -9.48 23.83
N LEU A 31 -0.30 -9.95 22.67
CA LEU A 31 0.36 -11.10 22.02
C LEU A 31 1.81 -10.77 21.62
N ILE A 32 2.02 -9.60 21.02
CA ILE A 32 3.35 -9.29 20.49
C ILE A 32 4.25 -9.19 21.69
N THR A 33 3.72 -8.58 22.74
CA THR A 33 4.48 -8.48 23.99
C THR A 33 4.93 -9.85 24.46
N LYS A 34 4.03 -10.80 24.49
CA LYS A 34 4.43 -12.15 24.89
C LYS A 34 5.41 -12.73 23.92
N ALA A 35 5.32 -12.40 22.62
CA ALA A 35 6.29 -13.01 21.71
C ALA A 35 7.69 -12.47 21.99
N ILE A 36 7.77 -11.16 22.17
CA ILE A 36 9.07 -10.58 22.38
C ILE A 36 9.66 -11.06 23.74
N GLU A 37 8.85 -11.06 24.78
CA GLU A 37 9.32 -11.51 26.12
C GLU A 37 9.81 -12.96 26.07
N SER A 38 9.14 -13.82 25.32
CA SER A 38 9.64 -15.18 25.13
C SER A 38 11.05 -15.32 24.51
N SER A 39 11.62 -14.26 23.95
CA SER A 39 12.87 -14.46 23.22
C SER A 39 14.02 -14.33 24.20
N ALA A 40 15.08 -15.09 23.94
CA ALA A 40 16.28 -15.05 24.80
C ALA A 40 16.79 -13.62 24.93
N GLU A 41 16.81 -12.88 23.83
CA GLU A 41 17.40 -11.54 23.86
C GLU A 41 16.36 -10.42 23.98
N LYS A 42 15.08 -10.75 24.21
CA LYS A 42 14.04 -9.70 24.35
C LYS A 42 13.93 -8.79 23.07
N ARG A 43 14.04 -9.44 21.91
CA ARG A 43 13.86 -8.78 20.62
C ARG A 43 13.61 -9.80 19.49
N LEU A 44 12.78 -9.42 18.52
CA LEU A 44 12.47 -10.26 17.36
C LEU A 44 12.22 -9.39 16.10
N THR A 45 12.40 -10.00 14.93
CA THR A 45 12.01 -9.42 13.67
C THR A 45 10.55 -9.66 13.41
N LEU A 46 10.02 -8.88 12.50
CA LEU A 46 8.61 -8.97 12.21
C LEU A 46 8.30 -10.40 11.85
N SER A 47 9.18 -10.99 11.08
CA SER A 47 9.04 -12.32 10.53
C SER A 47 8.99 -13.33 11.66
N GLN A 48 9.88 -13.14 12.64
CA GLN A 48 9.91 -14.00 13.85
C GLN A 48 8.63 -13.84 14.68
N ILE A 49 8.06 -12.63 14.68
CA ILE A 49 6.79 -12.41 15.40
C ILE A 49 5.70 -13.16 14.71
N TYR A 50 5.68 -13.08 13.38
CA TYR A 50 4.73 -13.89 12.64
C TYR A 50 4.85 -15.42 13.01
N GLU A 51 6.07 -15.92 13.10
CA GLU A 51 6.32 -17.35 13.30
C GLU A 51 5.89 -17.72 14.70
N TRP A 52 6.23 -16.88 15.67
CA TRP A 52 5.73 -17.09 17.01
C TRP A 52 4.22 -17.22 17.08
N MET A 53 3.49 -16.36 16.36
CA MET A 53 2.05 -16.37 16.43
C MET A 53 1.55 -17.71 15.96
N VAL A 54 2.18 -18.21 14.90
CA VAL A 54 1.70 -19.40 14.24
C VAL A 54 2.02 -20.65 15.08
N LYS A 55 3.15 -20.63 15.74
CA LYS A 55 3.61 -21.74 16.58
C LYS A 55 2.99 -21.73 17.99
N SER A 56 2.49 -20.59 18.45
CA SER A 56 2.15 -20.39 19.86
C SER A 56 0.70 -20.05 20.19
N VAL A 57 -0.07 -19.51 19.24
CA VAL A 57 -1.43 -19.10 19.52
C VAL A 57 -2.28 -20.05 18.74
N PRO A 58 -3.11 -20.87 19.45
CA PRO A 58 -3.83 -21.96 18.80
C PRO A 58 -4.58 -21.47 17.62
N TYR A 59 -5.29 -20.35 17.76
CA TYR A 59 -6.08 -19.83 16.65
C TYR A 59 -5.26 -19.70 15.39
N PHE A 60 -4.03 -19.18 15.51
CA PHE A 60 -3.21 -18.85 14.34
C PHE A 60 -2.47 -20.07 13.78
N LYS A 61 -2.54 -21.21 14.49
CA LYS A 61 -1.77 -22.43 14.15
C LYS A 61 -1.90 -22.91 12.69
N ASP A 62 -3.05 -22.66 12.07
CA ASP A 62 -3.24 -23.07 10.67
C ASP A 62 -3.30 -21.88 9.68
N LYS A 63 -2.71 -20.76 10.08
N LYS A 63 -2.78 -20.73 10.11
CA LYS A 63 -2.58 -19.59 9.21
CA LYS A 63 -3.00 -19.47 9.38
C LYS A 63 -1.11 -19.33 8.93
C LYS A 63 -1.71 -18.71 9.02
N GLY A 64 -0.31 -20.39 8.93
N GLY A 64 -0.69 -19.45 8.61
CA GLY A 64 1.14 -20.30 8.78
CA GLY A 64 0.55 -18.84 8.16
C GLY A 64 1.63 -19.90 7.40
C GLY A 64 0.76 -18.97 6.65
N ASP A 65 1.26 -20.66 6.38
N ASP A 65 -0.34 -18.96 5.91
CA ASP A 65 1.68 -20.36 5.01
CA ASP A 65 -0.32 -19.23 4.47
C ASP A 65 0.67 -19.41 4.34
C ASP A 65 -0.82 -18.04 3.64
N SER A 66 0.58 -18.21 4.89
N SER A 66 0.08 -17.45 2.84
CA SER A 66 -0.17 -17.12 4.28
CA SER A 66 -0.34 -16.40 1.91
C SER A 66 0.74 -15.89 4.18
C SER A 66 -1.80 -16.67 1.59
N ASN A 67 0.28 -14.83 3.53
N ASN A 67 -2.67 -15.71 1.88
CA ASN A 67 1.18 -13.73 3.21
CA ASN A 67 -4.09 -15.99 1.79
C ASN A 67 0.78 -12.42 3.84
C ASN A 67 -4.77 -15.80 3.15
N SER A 68 1.63 -11.40 3.68
N SER A 68 -4.91 -16.89 3.90
CA SER A 68 1.61 -10.21 4.53
CA SER A 68 -5.58 -16.84 5.21
C SER A 68 0.31 -9.45 4.41
C SER A 68 -4.85 -15.95 6.21
N SER A 69 -0.33 -9.65 3.26
N SER A 69 -3.71 -15.39 5.83
CA SER A 69 -1.71 -9.22 3.09
CA SER A 69 -2.86 -14.77 6.83
C SER A 69 -2.66 -9.94 4.05
C SER A 69 -2.64 -13.26 6.70
N ALA A 70 -2.26 -11.07 4.61
N ALA A 70 -3.29 -12.61 5.73
CA ALA A 70 -3.11 -11.66 5.64
CA ALA A 70 -3.03 -11.17 5.46
C ALA A 70 -3.58 -10.49 6.49
C ALA A 70 -3.63 -10.22 6.49
N GLY A 71 -4.84 -10.49 6.87
N GLY A 71 -4.78 -10.56 7.03
CA GLY A 71 -5.44 -9.39 7.61
CA GLY A 71 -5.44 -9.72 8.01
C GLY A 71 -4.88 -9.28 9.02
C GLY A 71 -4.61 -9.64 9.28
N TRP A 72 -4.33 -10.37 9.53
N TRP A 72 -4.29 -10.79 9.87
CA TRP A 72 -3.83 -10.37 10.90
CA TRP A 72 -3.62 -10.77 11.15
C TRP A 72 -2.34 -10.03 10.97
C TRP A 72 -2.25 -10.13 11.03
N LYS A 73 -1.62 -10.29 9.87
CA LYS A 73 -0.25 -9.77 9.69
C LYS A 73 -0.27 -8.26 9.63
N ASN A 74 -1.25 -7.71 8.93
CA ASN A 74 -1.52 -6.26 8.85
C ASN A 74 -1.78 -5.69 10.21
N SER A 75 -2.52 -6.45 11.03
CA SER A 75 -2.83 -5.97 12.39
C SER A 75 -1.60 -5.98 13.24
N ILE A 76 -0.70 -6.93 13.04
CA ILE A 76 0.53 -6.94 13.77
C ILE A 76 1.39 -5.75 13.35
N ARG A 77 1.54 -5.55 12.02
CA ARG A 77 2.41 -4.35 11.61
C ARG A 77 1.78 -3.11 12.17
N HIS A 78 0.48 -3.06 12.05
CA HIS A 78 -0.22 -1.89 12.51
C HIS A 78 0.00 -1.64 14.02
N ASN A 79 0.02 -2.73 14.79
CA ASN A 79 0.24 -2.54 16.27
C ASN A 79 1.66 -2.19 16.61
N LEU A 80 2.60 -2.79 15.90
CA LEU A 80 3.95 -2.50 16.18
C LEU A 80 4.25 -0.99 15.96
N SER A 81 3.71 -0.32 14.93
CA SER A 81 4.01 1.12 14.68
C SER A 81 3.12 1.98 15.53
N LEU A 82 1.86 1.63 15.70
CA LEU A 82 0.98 2.54 16.43
C LEU A 82 1.39 2.65 17.91
N HIS A 83 1.75 1.54 18.56
CA HIS A 83 1.96 1.58 20.00
C HIS A 83 3.36 2.01 20.40
N SER A 84 3.41 3.01 21.25
CA SER A 84 4.69 3.46 21.81
C SER A 84 5.40 2.37 22.66
N LYS A 85 4.70 1.36 23.13
CA LYS A 85 5.38 0.32 23.90
C LYS A 85 6.34 -0.52 23.05
N PHE A 86 6.21 -0.45 21.72
CA PHE A 86 7.12 -1.15 20.78
C PHE A 86 8.05 -0.15 20.05
N ILE A 87 9.34 -0.47 19.96
CA ILE A 87 10.33 0.39 19.34
C ILE A 87 11.08 -0.50 18.40
N ARG A 88 11.43 0.10 17.29
CA ARG A 88 12.17 -0.50 16.23
C ARG A 88 13.64 -0.18 16.33
N VAL A 89 14.50 -1.20 16.19
CA VAL A 89 15.96 -1.02 16.21
C VAL A 89 16.62 -1.72 15.01
N GLN A 90 17.59 -1.05 14.37
CA GLN A 90 18.26 -1.58 13.16
C GLN A 90 19.12 -2.83 13.42
N ASN A 91 19.16 -3.71 12.43
CA ASN A 91 19.85 -5.00 12.53
C ASN A 91 21.01 -5.05 11.55
N GLU A 92 22.09 -5.69 11.98
CA GLU A 92 23.45 -5.42 11.48
C GLU A 92 23.65 -5.37 9.94
N GLY A 93 23.85 -6.52 9.30
CA GLY A 93 24.17 -6.56 7.88
C GLY A 93 23.01 -6.25 6.95
N THR A 94 23.15 -6.68 5.69
CA THR A 94 22.10 -6.54 4.68
C THR A 94 21.16 -7.74 4.73
N GLY A 95 19.91 -7.52 4.30
CA GLY A 95 18.87 -8.56 4.32
C GLY A 95 17.50 -7.95 4.53
N LYS A 96 16.92 -7.96 5.75
CA LYS A 96 17.48 -8.26 7.10
C LYS A 96 16.91 -7.16 7.99
N SER A 97 15.64 -7.31 8.38
CA SER A 97 14.81 -6.17 8.83
C SER A 97 15.07 -5.77 10.30
N SER A 98 14.29 -4.82 10.83
CA SER A 98 14.57 -4.28 12.15
C SER A 98 14.29 -5.28 13.31
N TRP A 99 14.95 -5.10 14.44
CA TRP A 99 14.56 -5.78 15.66
C TRP A 99 13.43 -4.97 16.24
N TRP A 100 12.39 -5.69 16.63
CA TRP A 100 11.38 -5.13 17.52
C TRP A 100 11.56 -5.55 18.99
N MET A 101 11.54 -4.55 19.87
CA MET A 101 11.79 -4.67 21.31
C MET A 101 10.70 -3.85 21.98
N LEU A 102 10.49 -4.15 23.24
CA LEU A 102 9.68 -3.31 24.14
C LEU A 102 10.42 -2.08 24.58
N ASN A 103 9.67 -1.00 24.70
CA ASN A 103 10.14 0.26 25.20
C ASN A 103 10.40 0.09 26.69
N PRO A 104 11.67 0.23 27.13
CA PRO A 104 11.98 0.24 28.59
C PRO A 104 11.05 1.13 29.42
N GLU A 105 10.58 2.23 28.86
CA GLU A 105 9.57 3.09 29.51
C GLU A 105 8.11 2.56 29.40
N GLY A 106 7.88 1.63 28.46
CA GLY A 106 6.56 1.01 28.24
C GLY A 106 5.42 1.85 27.64
N GLY A 107 5.72 3.09 27.23
CA GLY A 107 4.70 4.09 26.83
C GLY A 107 3.27 3.58 26.66
N GLY B 5 8.36 0.84 -27.50
CA GLY B 5 8.17 -0.48 -26.83
C GLY B 5 6.82 -0.62 -26.14
N PRO B 6 6.79 -1.35 -25.00
CA PRO B 6 5.50 -1.45 -24.30
C PRO B 6 5.12 -0.07 -23.79
N ILE B 7 3.84 0.26 -23.82
CA ILE B 7 3.39 1.51 -23.26
C ILE B 7 3.78 1.59 -21.76
N GLN B 8 4.02 2.80 -21.29
CA GLN B 8 4.40 3.04 -19.91
C GLN B 8 3.17 3.51 -19.14
N LEU B 9 3.10 3.15 -17.85
CA LEU B 9 1.94 3.50 -17.02
C LEU B 9 1.49 4.95 -17.20
N TRP B 10 2.41 5.89 -17.11
CA TRP B 10 2.00 7.30 -17.18
C TRP B 10 1.30 7.62 -18.53
N GLN B 11 1.78 6.99 -19.59
CA GLN B 11 1.19 7.22 -20.95
C GLN B 11 -0.17 6.59 -20.96
N PHE B 12 -0.29 5.42 -20.32
CA PHE B 12 -1.58 4.75 -20.22
C PHE B 12 -2.59 5.60 -19.47
N LEU B 13 -2.17 6.26 -18.41
CA LEU B 13 -3.14 7.02 -17.65
C LEU B 13 -3.56 8.21 -18.47
N LEU B 14 -2.64 8.77 -19.22
CA LEU B 14 -2.94 9.92 -20.07
C LEU B 14 -4.00 9.55 -21.12
N GLU B 15 -3.74 8.43 -21.79
CA GLU B 15 -4.69 7.85 -22.70
C GLU B 15 -6.09 7.79 -22.10
N LEU B 16 -6.24 7.22 -20.90
CA LEU B 16 -7.58 7.16 -20.26
C LEU B 16 -8.11 8.55 -19.94
N LEU B 17 -7.21 9.49 -19.63
CA LEU B 17 -7.64 10.84 -19.18
C LEU B 17 -8.06 11.71 -20.35
N THR B 18 -7.73 11.27 -21.58
CA THR B 18 -8.11 11.99 -22.82
C THR B 18 -9.31 11.37 -23.53
N ASP B 19 -9.88 10.30 -22.96
CA ASP B 19 -11.09 9.68 -23.47
C ASP B 19 -12.25 9.89 -22.46
N LYS B 20 -13.28 10.58 -22.93
CA LYS B 20 -14.33 11.14 -22.11
C LYS B 20 -15.27 10.10 -21.52
N SER B 21 -15.29 8.90 -22.11
CA SER B 21 -16.11 7.80 -21.54
C SER B 21 -15.41 7.14 -20.33
N CYS B 22 -14.12 7.45 -20.15
CA CYS B 22 -13.33 6.92 -19.01
C CYS B 22 -13.53 7.77 -17.77
N GLN B 23 -14.29 8.85 -17.89
CA GLN B 23 -14.36 9.83 -16.82
C GLN B 23 -14.99 9.39 -15.55
N SER B 24 -15.81 8.35 -15.63
CA SER B 24 -16.46 7.81 -14.46
C SER B 24 -15.47 7.16 -13.45
N PHE B 25 -14.30 6.67 -13.93
CA PHE B 25 -13.33 5.97 -13.08
C PHE B 25 -11.94 6.65 -12.94
N ILE B 26 -11.63 7.56 -13.84
CA ILE B 26 -10.43 8.39 -13.75
C ILE B 26 -10.66 9.72 -14.45
N SER B 27 -10.43 10.82 -13.74
CA SER B 27 -10.74 12.18 -14.26
C SER B 27 -9.72 13.20 -13.80
N TRP B 28 -9.54 14.26 -14.58
CA TRP B 28 -8.80 15.46 -14.18
C TRP B 28 -9.61 16.04 -13.05
N THR B 29 -8.93 16.68 -12.09
CA THR B 29 -9.65 17.29 -10.93
C THR B 29 -10.08 18.72 -11.32
N GLY B 30 -9.44 19.28 -12.33
CA GLY B 30 -9.68 20.68 -12.73
C GLY B 30 -8.60 21.62 -12.21
N ASP B 31 -7.65 21.09 -11.43
CA ASP B 31 -6.50 21.86 -11.01
C ASP B 31 -5.27 21.37 -11.78
N GLY B 32 -5.00 22.02 -12.90
CA GLY B 32 -3.76 21.78 -13.62
C GLY B 32 -3.79 20.40 -14.20
N TRP B 33 -2.68 19.69 -14.10
CA TRP B 33 -2.62 18.31 -14.53
C TRP B 33 -2.80 17.36 -13.31
N GLU B 34 -3.56 17.80 -12.29
CA GLU B 34 -3.95 16.93 -11.15
C GLU B 34 -5.09 16.04 -11.60
N PHE B 35 -5.00 14.75 -11.32
CA PHE B 35 -6.06 13.80 -11.65
C PHE B 35 -6.37 12.86 -10.50
N LYS B 36 -7.50 12.16 -10.61
CA LYS B 36 -8.04 11.33 -9.56
C LYS B 36 -8.37 9.97 -10.12
N LEU B 37 -7.92 8.91 -9.44
CA LEU B 37 -8.40 7.61 -9.79
C LEU B 37 -9.60 7.39 -8.92
N SER B 38 -10.76 7.80 -9.41
CA SER B 38 -11.96 7.71 -8.60
C SER B 38 -12.40 6.27 -8.42
N ASP B 39 -12.06 5.38 -9.35
CA ASP B 39 -12.28 3.95 -9.12
C ASP B 39 -10.97 3.26 -9.51
N PRO B 40 -10.09 3.10 -8.53
CA PRO B 40 -8.76 2.60 -8.82
C PRO B 40 -8.71 1.15 -9.23
N ASP B 41 -9.70 0.32 -8.84
CA ASP B 41 -9.71 -1.09 -9.27
C ASP B 41 -10.06 -1.22 -10.73
N GLU B 42 -10.97 -0.41 -11.22
CA GLU B 42 -11.24 -0.42 -12.66
C GLU B 42 -9.99 0.03 -13.49
N VAL B 43 -9.36 1.13 -13.08
CA VAL B 43 -8.09 1.57 -13.70
C VAL B 43 -7.04 0.47 -13.63
N ALA B 44 -6.90 -0.21 -12.49
CA ALA B 44 -5.89 -1.27 -12.43
C ALA B 44 -6.25 -2.46 -13.33
N ARG B 45 -7.53 -2.79 -13.39
CA ARG B 45 -7.99 -3.87 -14.25
C ARG B 45 -7.61 -3.60 -15.69
N ARG B 46 -7.90 -2.39 -16.17
CA ARG B 46 -7.51 -2.06 -17.56
C ARG B 46 -6.04 -2.12 -17.75
N TRP B 47 -5.28 -1.66 -16.76
CA TRP B 47 -3.83 -1.66 -16.87
C TRP B 47 -3.38 -3.10 -16.98
N GLY B 48 -3.94 -3.99 -16.16
CA GLY B 48 -3.60 -5.42 -16.22
C GLY B 48 -3.92 -6.05 -17.58
N LYS B 49 -5.04 -5.67 -18.16
CA LYS B 49 -5.40 -6.26 -19.44
C LYS B 49 -4.42 -5.79 -20.52
N ARG B 50 -4.12 -4.50 -20.49
CA ARG B 50 -3.26 -3.91 -21.48
C ARG B 50 -1.87 -4.51 -21.49
N LYS B 51 -1.32 -4.81 -20.31
CA LYS B 51 0.03 -5.37 -20.20
C LYS B 51 -0.05 -6.91 -20.08
N ASN B 52 -1.24 -7.47 -20.00
CA ASN B 52 -1.40 -8.91 -19.79
C ASN B 52 -0.81 -9.36 -18.47
N LYS B 53 -1.36 -8.76 -17.43
CA LYS B 53 -0.97 -9.07 -16.06
C LYS B 53 -2.30 -9.20 -15.38
N PRO B 54 -2.85 -10.43 -15.39
CA PRO B 54 -4.23 -10.55 -14.91
C PRO B 54 -4.38 -10.30 -13.40
N LYS B 55 -3.29 -10.34 -12.64
CA LYS B 55 -3.35 -10.09 -11.19
C LYS B 55 -3.03 -8.63 -10.79
N MET B 56 -3.07 -7.71 -11.74
CA MET B 56 -2.79 -6.32 -11.48
C MET B 56 -3.84 -5.78 -10.49
N ASN B 57 -3.43 -4.99 -9.50
CA ASN B 57 -4.42 -4.32 -8.67
C ASN B 57 -3.88 -2.94 -8.34
N TYR B 58 -4.58 -2.16 -7.52
CA TYR B 58 -4.16 -0.78 -7.26
C TYR B 58 -2.87 -0.75 -6.42
N GLU B 59 -2.76 -1.70 -5.52
CA GLU B 59 -1.60 -1.80 -4.66
C GLU B 59 -0.35 -1.84 -5.49
N LYS B 60 -0.40 -2.66 -6.53
CA LYS B 60 0.76 -2.81 -7.42
C LYS B 60 0.87 -1.64 -8.39
N LEU B 61 -0.25 -1.17 -8.94
CA LEU B 61 -0.17 -0.06 -9.90
C LEU B 61 0.44 1.15 -9.21
N SER B 62 -0.01 1.45 -7.97
CA SER B 62 0.43 2.61 -7.20
C SER B 62 1.92 2.57 -6.94
N ARG B 63 2.46 1.38 -6.72
CA ARG B 63 3.91 1.22 -6.52
C ARG B 63 4.66 1.72 -7.75
N GLY B 64 4.14 1.48 -8.94
CA GLY B 64 4.81 2.02 -10.15
C GLY B 64 4.67 3.54 -10.20
N LEU B 65 3.51 4.06 -9.83
CA LEU B 65 3.37 5.51 -9.67
C LEU B 65 4.43 6.05 -8.68
N ARG B 66 4.75 5.31 -7.63
CA ARG B 66 5.69 5.82 -6.63
C ARG B 66 7.13 5.94 -7.10
N TYR B 67 7.53 5.09 -8.06
CA TYR B 67 8.83 5.22 -8.73
C TYR B 67 8.89 6.48 -9.59
N TYR B 68 7.74 7.05 -9.97
CA TYR B 68 7.73 8.27 -10.78
C TYR B 68 8.06 9.56 -9.97
N TYR B 69 8.01 9.50 -8.63
CA TYR B 69 8.17 10.71 -7.81
C TYR B 69 9.60 11.27 -8.00
N ASP B 70 10.59 10.38 -7.99
CA ASP B 70 11.98 10.72 -8.20
C ASP B 70 12.36 11.03 -9.62
N LYS B 71 11.53 10.63 -10.58
CA LYS B 71 11.82 10.82 -11.98
C LYS B 71 11.06 12.09 -12.43
N ASN B 72 10.49 12.81 -11.47
CA ASN B 72 9.62 13.97 -11.69
C ASN B 72 8.61 13.83 -12.83
N ILE B 73 7.96 12.67 -12.91
CA ILE B 73 6.93 12.45 -13.93
C ILE B 73 5.55 12.72 -13.38
N ILE B 74 5.26 12.15 -12.23
CA ILE B 74 3.99 12.25 -11.54
C ILE B 74 4.35 12.35 -10.03
N HIS B 75 3.59 13.18 -9.30
CA HIS B 75 3.72 13.28 -7.84
C HIS B 75 2.35 13.01 -7.21
N LYS B 76 2.35 12.69 -5.93
CA LYS B 76 1.18 12.51 -5.12
C LYS B 76 0.62 13.82 -4.66
N THR B 77 -0.70 13.97 -4.61
CA THR B 77 -1.30 15.10 -3.92
C THR B 77 -1.56 14.60 -2.51
N ALA B 78 -0.75 15.06 -1.56
CA ALA B 78 -0.81 14.60 -0.19
C ALA B 78 -2.15 14.89 0.48
N GLY B 79 -2.65 13.90 1.23
CA GLY B 79 -3.95 13.97 1.91
C GLY B 79 -5.19 13.86 1.01
N LYS B 80 -5.01 13.56 -0.27
CA LYS B 80 -6.19 13.35 -1.14
C LYS B 80 -6.23 11.95 -1.77
N ARG B 81 -7.25 11.21 -1.41
CA ARG B 81 -7.26 9.81 -1.69
C ARG B 81 -7.25 9.56 -3.20
N TYR B 82 -6.28 8.77 -3.63
CA TYR B 82 -6.16 8.45 -5.06
C TYR B 82 -5.85 9.62 -5.98
N VAL B 83 -5.38 10.76 -5.44
CA VAL B 83 -5.07 11.95 -6.28
C VAL B 83 -3.57 12.13 -6.46
N TYR B 84 -3.23 12.35 -7.72
CA TYR B 84 -1.87 12.44 -8.23
C TYR B 84 -1.81 13.62 -9.20
N ARG B 85 -0.62 13.97 -9.68
CA ARG B 85 -0.44 15.11 -10.57
C ARG B 85 0.71 14.86 -11.53
N PHE B 86 0.50 15.06 -12.85
CA PHE B 86 1.67 15.04 -13.76
C PHE B 86 2.47 16.29 -13.45
N VAL B 87 3.77 16.15 -13.17
CA VAL B 87 4.68 17.31 -12.94
C VAL B 87 5.76 17.39 -14.02
N CYS B 88 5.56 16.65 -15.11
CA CYS B 88 6.36 16.77 -16.29
C CYS B 88 5.65 17.80 -17.17
N ASP B 89 6.27 18.11 -18.32
CA ASP B 89 5.76 19.15 -19.24
C ASP B 89 4.72 18.56 -20.20
N LEU B 90 3.51 18.41 -19.70
CA LEU B 90 2.46 17.87 -20.55
C LEU B 90 2.05 18.84 -21.66
N GLN B 91 2.04 20.13 -21.36
CA GLN B 91 1.66 21.12 -22.40
C GLN B 91 2.39 20.86 -23.74
N SER B 92 3.69 20.60 -23.68
CA SER B 92 4.47 20.36 -24.90
C SER B 92 4.11 19.07 -25.64
N LEU B 93 3.82 18.03 -24.90
CA LEU B 93 3.52 16.73 -25.48
C LEU B 93 2.13 16.71 -26.09
N LEU B 94 1.16 17.31 -25.40
CA LEU B 94 -0.23 17.31 -25.87
C LEU B 94 -0.62 18.45 -26.82
N GLY B 95 0.15 19.54 -26.76
CA GLY B 95 -0.17 20.75 -27.52
C GLY B 95 -1.38 21.48 -26.97
N TYR B 96 -1.67 21.31 -25.68
CA TYR B 96 -2.78 22.02 -25.07
C TYR B 96 -2.45 22.45 -23.64
N THR B 97 -3.05 23.55 -23.20
CA THR B 97 -2.99 23.98 -21.81
C THR B 97 -3.93 23.11 -20.99
N PRO B 98 -3.80 23.15 -19.65
CA PRO B 98 -4.79 22.47 -18.83
C PRO B 98 -6.21 22.99 -19.11
N GLU B 99 -6.35 24.32 -19.14
CA GLU B 99 -7.63 25.00 -19.41
C GLU B 99 -8.24 24.55 -20.72
N GLU B 100 -7.38 24.46 -21.75
CA GLU B 100 -7.84 24.03 -23.08
C GLU B 100 -8.34 22.59 -23.07
N LEU B 101 -7.54 21.70 -22.48
CA LEU B 101 -7.88 20.30 -22.39
C LEU B 101 -9.16 20.12 -21.55
N HIS B 102 -9.31 20.91 -20.48
CA HIS B 102 -10.47 20.77 -19.59
C HIS B 102 -11.77 21.16 -20.29
N ALA B 103 -11.76 22.25 -21.06
CA ALA B 103 -12.90 22.63 -21.90
C ALA B 103 -13.23 21.48 -22.86
N MET B 104 -12.23 21.04 -23.61
CA MET B 104 -12.40 19.96 -24.59
C MET B 104 -13.13 18.75 -24.02
N LEU B 105 -12.79 18.36 -22.80
CA LEU B 105 -13.33 17.15 -22.17
C LEU B 105 -14.51 17.42 -21.22
N ASP B 106 -14.96 18.68 -21.18
CA ASP B 106 -16.11 19.10 -20.37
C ASP B 106 -15.89 18.69 -18.91
N VAL B 107 -14.83 19.25 -18.36
CA VAL B 107 -14.41 18.96 -16.99
C VAL B 107 -15.10 19.91 -16.04
N LYS B 108 -15.97 19.36 -15.19
CA LYS B 108 -16.55 20.10 -14.07
C LYS B 108 -15.47 20.14 -12.97
N PRO B 109 -15.07 21.35 -12.52
CA PRO B 109 -14.01 21.44 -11.49
C PRO B 109 -14.34 20.80 -10.12
N ASP B 110 -13.30 20.47 -9.35
CA ASP B 110 -13.42 19.96 -7.97
C ASP B 110 -13.16 21.11 -6.99
#